data_8F0M
#
_entry.id   8F0M
#
_cell.length_a   151.386
_cell.length_b   44.733
_cell.length_c   88.162
_cell.angle_alpha   90.00
_cell.angle_beta   90.00
_cell.angle_gamma   90.00
#
_symmetry.space_group_name_H-M   'P 21 2 21'
#
loop_
_entity.id
_entity.type
_entity.pdbx_description
1 polymer 'Isoform 2B of GTPase KRas'
2 polymer 'Monobody 12D5'
3 non-polymer 'MAGNESIUM ION'
4 non-polymer "GUANOSINE-5'-DIPHOSPHATE"
5 non-polymer alpha-D-glucopyranose
6 non-polymer "5'-GUANOSINE-DIPHOSPHATE-MONOTHIOPHOSPHATE"
7 water water
#
loop_
_entity_poly.entity_id
_entity_poly.type
_entity_poly.pdbx_seq_one_letter_code
_entity_poly.pdbx_strand_id
1 'polypeptide(L)'
;GSMTEYKLVVVGADGVGKSALTIQLIQNHFVDEYDPTIEDSYRKQVVIDGETSLLDILDTAGQEEYSAMRDQYMRTGEGF
LLVFAINNTKSFEDIHHYREQIKRVKDSEDVPMVLVGNKSDLPSRTVDTKQAQDLARSYGIPFIETSAKTRQGVDDAFYT
LVREIRKHKEK
;
A,C
2 'polypeptide(L)'
;GSSSVPTKLEVVAATPTSLLVSWDAPAVTVVFYDITYGETGGNSPVQEFTVPGSKSTATISGLSPGVDYTITVYAKYLFW
SGYSSPISINYRTEIDK
;
B,D
#
# COMPACT_ATOMS: atom_id res chain seq x y z
N GLY A 1 -17.01 25.17 -22.64
CA GLY A 1 -15.63 24.89 -22.30
C GLY A 1 -15.15 23.55 -22.82
N SER A 2 -14.29 22.89 -22.04
CA SER A 2 -13.81 21.57 -22.41
C SER A 2 -14.84 20.52 -22.04
N MET A 3 -14.87 19.43 -22.81
CA MET A 3 -15.74 18.31 -22.50
C MET A 3 -15.30 17.67 -21.19
N THR A 4 -16.23 17.58 -20.24
CA THR A 4 -15.90 17.05 -18.92
C THR A 4 -15.89 15.53 -18.94
N GLU A 5 -14.83 14.95 -18.39
CA GLU A 5 -14.67 13.51 -18.28
C GLU A 5 -14.97 13.05 -16.87
N TYR A 6 -15.53 11.85 -16.75
CA TYR A 6 -15.82 11.23 -15.47
C TYR A 6 -15.16 9.86 -15.43
N LYS A 7 -14.26 9.67 -14.47
CA LYS A 7 -13.55 8.41 -14.30
C LYS A 7 -14.36 7.53 -13.35
N LEU A 8 -15.02 6.51 -13.92
CA LEU A 8 -15.86 5.60 -13.16
C LEU A 8 -15.14 4.27 -13.04
N VAL A 9 -15.21 3.66 -11.86
CA VAL A 9 -14.61 2.35 -11.62
C VAL A 9 -15.69 1.43 -11.08
N VAL A 10 -15.80 0.24 -11.67
CA VAL A 10 -16.80 -0.75 -11.26
C VAL A 10 -16.11 -1.82 -10.44
N VAL A 11 -16.48 -1.95 -9.16
CA VAL A 11 -15.87 -2.92 -8.27
C VAL A 11 -16.95 -3.79 -7.66
N GLY A 12 -16.52 -4.94 -7.16
CA GLY A 12 -17.43 -5.90 -6.55
C GLY A 12 -16.86 -7.30 -6.61
N ALA A 13 -17.55 -8.22 -5.95
CA ALA A 13 -17.11 -9.61 -5.90
C ALA A 13 -17.21 -10.24 -7.29
N ASP A 14 -16.60 -11.41 -7.42
CA ASP A 14 -16.59 -12.12 -8.69
C ASP A 14 -18.00 -12.59 -9.04
N GLY A 15 -18.33 -12.53 -10.33
CA GLY A 15 -19.56 -13.08 -10.84
C GLY A 15 -20.82 -12.30 -10.51
N VAL A 16 -20.70 -11.10 -9.92
CA VAL A 16 -21.89 -10.32 -9.57
C VAL A 16 -22.47 -9.55 -10.74
N GLY A 17 -21.77 -9.52 -11.87
CA GLY A 17 -22.27 -8.85 -13.05
C GLY A 17 -21.67 -7.51 -13.38
N LYS A 18 -20.41 -7.26 -12.98
CA LYS A 18 -19.78 -5.98 -13.27
C LYS A 18 -19.59 -5.79 -14.77
N SER A 19 -18.93 -6.74 -15.42
CA SER A 19 -18.70 -6.67 -16.86
C SER A 19 -20.01 -6.64 -17.62
N ALA A 20 -21.01 -7.39 -17.15
CA ALA A 20 -22.30 -7.40 -17.83
C ALA A 20 -22.97 -6.03 -17.79
N LEU A 21 -22.96 -5.39 -16.62
CA LEU A 21 -23.50 -4.04 -16.51
C LEU A 21 -22.76 -3.07 -17.41
N THR A 22 -21.43 -3.14 -17.43
CA THR A 22 -20.64 -2.23 -18.26
C THR A 22 -20.94 -2.43 -19.75
N ILE A 23 -21.02 -3.69 -20.19
CA ILE A 23 -21.30 -3.97 -21.60
C ILE A 23 -22.73 -3.58 -21.95
N GLN A 24 -23.66 -3.67 -20.99
CA GLN A 24 -25.01 -3.18 -21.26
C GLN A 24 -25.02 -1.68 -21.42
N LEU A 25 -24.21 -0.97 -20.63
CA LEU A 25 -24.14 0.48 -20.78
C LEU A 25 -23.53 0.88 -22.12
N ILE A 26 -22.46 0.21 -22.53
CA ILE A 26 -21.73 0.67 -23.71
C ILE A 26 -22.38 0.17 -25.00
N GLN A 27 -22.73 -1.13 -25.06
CA GLN A 27 -23.12 -1.77 -26.30
C GLN A 27 -24.57 -2.23 -26.32
N ASN A 28 -25.32 -2.09 -25.23
CA ASN A 28 -26.76 -2.32 -25.19
C ASN A 28 -27.14 -3.76 -25.51
N HIS A 29 -26.32 -4.72 -25.09
CA HIS A 29 -26.68 -6.13 -25.19
C HIS A 29 -26.12 -6.87 -23.97
N PHE A 30 -26.54 -8.12 -23.82
CA PHE A 30 -26.22 -8.87 -22.61
C PHE A 30 -25.12 -9.90 -22.86
N VAL A 31 -25.45 -11.01 -23.49
CA VAL A 31 -24.48 -12.06 -23.76
C VAL A 31 -24.94 -12.93 -24.92
N GLU A 39 -13.27 -5.83 -24.08
CA GLU A 39 -12.13 -5.32 -23.33
C GLU A 39 -12.55 -4.90 -21.92
N ASP A 40 -11.61 -4.30 -21.18
CA ASP A 40 -11.80 -3.99 -19.78
C ASP A 40 -11.90 -2.49 -19.50
N SER A 41 -11.98 -1.66 -20.54
CA SER A 41 -12.07 -0.22 -20.34
C SER A 41 -12.74 0.40 -21.55
N TYR A 42 -13.67 1.30 -21.29
CA TYR A 42 -14.47 1.88 -22.39
C TYR A 42 -14.72 3.36 -22.15
N ARG A 43 -15.00 4.08 -23.22
CA ARG A 43 -15.36 5.49 -23.12
C ARG A 43 -16.60 5.74 -23.95
N LYS A 44 -17.56 6.48 -23.36
CA LYS A 44 -18.83 6.74 -24.01
C LYS A 44 -19.27 8.17 -23.77
N GLN A 45 -19.71 8.85 -24.84
CA GLN A 45 -20.34 10.15 -24.71
C GLN A 45 -21.79 9.97 -24.29
N VAL A 46 -22.20 10.69 -23.25
CA VAL A 46 -23.58 10.62 -22.76
C VAL A 46 -24.10 12.03 -22.54
N VAL A 47 -25.41 12.17 -22.57
CA VAL A 47 -26.08 13.40 -22.18
C VAL A 47 -26.82 13.12 -20.88
N ILE A 48 -26.36 13.73 -19.79
CA ILE A 48 -26.95 13.55 -18.47
C ILE A 48 -27.41 14.91 -17.98
N ASP A 49 -28.73 15.02 -17.73
CA ASP A 49 -29.33 16.28 -17.28
C ASP A 49 -28.96 17.44 -18.20
N GLY A 50 -28.85 17.15 -19.49
CA GLY A 50 -28.54 18.13 -20.49
C GLY A 50 -27.06 18.29 -20.79
N GLU A 51 -26.18 17.89 -19.89
CA GLU A 51 -24.75 18.10 -20.07
C GLU A 51 -24.13 16.91 -20.81
N THR A 52 -23.31 17.22 -21.82
CA THR A 52 -22.58 16.20 -22.55
C THR A 52 -21.30 15.85 -21.78
N SER A 53 -21.14 14.58 -21.44
CA SER A 53 -20.05 14.11 -20.61
C SER A 53 -19.37 12.94 -21.31
N LEU A 54 -18.10 12.71 -20.95
CA LEU A 54 -17.33 11.60 -21.48
C LEU A 54 -17.02 10.65 -20.33
N LEU A 55 -17.65 9.47 -20.35
CA LEU A 55 -17.50 8.48 -19.29
C LEU A 55 -16.35 7.55 -19.63
N ASP A 56 -15.32 7.55 -18.78
CA ASP A 56 -14.22 6.59 -18.83
C ASP A 56 -14.54 5.48 -17.83
N ILE A 57 -15.10 4.39 -18.32
CA ILE A 57 -15.52 3.27 -17.49
C ILE A 57 -14.35 2.29 -17.39
N LEU A 58 -13.94 2.01 -16.15
CA LEU A 58 -12.89 1.05 -15.85
C LEU A 58 -13.54 -0.15 -15.15
N ASP A 59 -13.62 -1.26 -15.86
CA ASP A 59 -14.12 -2.49 -15.31
C ASP A 59 -13.03 -3.22 -14.53
N THR A 60 -13.46 -4.09 -13.63
CA THR A 60 -12.53 -4.95 -12.89
C THR A 60 -12.01 -6.02 -13.83
N ALA A 61 -10.79 -5.85 -14.32
CA ALA A 61 -10.21 -6.79 -15.27
C ALA A 61 -9.69 -8.03 -14.55
N GLY A 62 -9.35 -9.06 -15.35
CA GLY A 62 -8.83 -10.28 -14.79
C GLY A 62 -7.40 -10.13 -14.29
N GLN A 63 -7.00 -11.09 -13.45
CA GLN A 63 -5.65 -11.05 -12.88
C GLN A 63 -4.58 -11.03 -13.96
N GLU A 64 -4.76 -11.81 -15.02
CA GLU A 64 -3.75 -11.93 -16.07
C GLU A 64 -3.49 -10.62 -16.80
N GLU A 65 -4.32 -9.60 -16.59
CA GLU A 65 -4.12 -8.29 -17.17
C GLU A 65 -3.51 -7.30 -16.18
N TYR A 66 -2.99 -7.76 -15.06
CA TYR A 66 -2.53 -6.86 -14.02
C TYR A 66 -1.36 -6.01 -14.50
N SER A 67 -1.43 -4.72 -14.18
CA SER A 67 -0.30 -3.81 -14.33
C SER A 67 -0.38 -2.80 -13.19
N ALA A 68 0.78 -2.48 -12.61
CA ALA A 68 0.81 -1.52 -11.52
C ALA A 68 0.27 -0.16 -11.95
N MET A 69 0.50 0.21 -13.20
CA MET A 69 0.01 1.51 -13.70
C MET A 69 -1.50 1.57 -13.68
N ARG A 70 -2.17 0.51 -14.14
CA ARG A 70 -3.63 0.52 -14.12
C ARG A 70 -4.18 0.45 -12.71
N ASP A 71 -3.52 -0.30 -11.83
CA ASP A 71 -3.94 -0.35 -10.43
C ASP A 71 -3.89 1.04 -9.81
N GLN A 72 -2.76 1.73 -9.96
CA GLN A 72 -2.62 3.09 -9.43
C GLN A 72 -3.61 4.05 -10.09
N TYR A 73 -3.91 3.84 -11.37
CA TYR A 73 -4.87 4.71 -12.06
C TYR A 73 -6.28 4.52 -11.54
N MET A 74 -6.68 3.27 -11.29
CA MET A 74 -8.00 3.02 -10.71
C MET A 74 -8.07 3.48 -9.26
N ARG A 75 -6.93 3.54 -8.57
CA ARG A 75 -6.93 4.13 -7.23
C ARG A 75 -7.35 5.60 -7.23
N THR A 76 -7.28 6.28 -8.38
CA THR A 76 -7.64 7.68 -8.48
C THR A 76 -8.97 7.91 -9.20
N GLY A 77 -9.82 6.90 -9.25
CA GLY A 77 -11.11 7.05 -9.91
C GLY A 77 -11.98 8.09 -9.21
N GLU A 78 -12.79 8.78 -10.01
CA GLU A 78 -13.66 9.80 -9.45
C GLU A 78 -14.93 9.22 -8.83
N GLY A 79 -15.48 8.17 -9.43
CA GLY A 79 -16.68 7.56 -8.89
C GLY A 79 -16.54 6.05 -8.87
N PHE A 80 -17.27 5.41 -7.94
CA PHE A 80 -17.19 3.97 -7.77
C PHE A 80 -18.56 3.33 -7.68
N LEU A 81 -18.77 2.31 -8.50
CA LEU A 81 -19.97 1.48 -8.45
C LEU A 81 -19.65 0.24 -7.63
N LEU A 82 -20.29 0.12 -6.46
CA LEU A 82 -20.10 -1.01 -5.56
C LEU A 82 -21.19 -2.03 -5.89
N VAL A 83 -20.84 -3.07 -6.66
CA VAL A 83 -21.82 -4.01 -7.17
C VAL A 83 -21.81 -5.28 -6.33
N PHE A 84 -22.99 -5.72 -5.92
CA PHE A 84 -23.20 -7.03 -5.34
C PHE A 84 -24.35 -7.69 -6.08
N ALA A 85 -24.53 -8.99 -5.84
CA ALA A 85 -25.61 -9.75 -6.44
C ALA A 85 -26.61 -10.18 -5.37
N ILE A 86 -27.89 -10.03 -5.67
CA ILE A 86 -28.94 -10.32 -4.69
C ILE A 86 -29.04 -11.79 -4.33
N ASN A 87 -28.35 -12.66 -5.07
CA ASN A 87 -28.32 -14.09 -4.77
C ASN A 87 -26.99 -14.52 -4.14
N ASN A 88 -26.11 -13.57 -3.84
CA ASN A 88 -24.78 -13.87 -3.32
C ASN A 88 -24.62 -13.10 -2.01
N THR A 89 -24.87 -13.78 -0.88
CA THR A 89 -24.82 -13.11 0.42
C THR A 89 -23.42 -12.61 0.74
N LYS A 90 -22.39 -13.37 0.38
CA LYS A 90 -21.03 -12.93 0.67
C LYS A 90 -20.65 -11.68 -0.12
N SER A 91 -21.17 -11.54 -1.35
CA SER A 91 -20.89 -10.34 -2.13
C SER A 91 -21.49 -9.10 -1.47
N PHE A 92 -22.60 -9.26 -0.77
CA PHE A 92 -23.21 -8.14 -0.06
C PHE A 92 -22.51 -7.87 1.27
N GLU A 93 -22.17 -8.93 2.02
CA GLU A 93 -21.56 -8.76 3.32
C GLU A 93 -20.15 -8.17 3.24
N ASP A 94 -19.50 -8.27 2.08
CA ASP A 94 -18.16 -7.75 1.89
C ASP A 94 -18.15 -6.35 1.26
N ILE A 95 -19.32 -5.73 1.11
CA ILE A 95 -19.41 -4.41 0.49
C ILE A 95 -18.71 -3.37 1.36
N HIS A 96 -18.83 -3.51 2.69
CA HIS A 96 -18.19 -2.56 3.59
C HIS A 96 -16.68 -2.55 3.43
N HIS A 97 -16.07 -3.69 3.13
CA HIS A 97 -14.65 -3.72 2.82
C HIS A 97 -14.33 -2.82 1.63
N TYR A 98 -15.14 -2.91 0.57
CA TYR A 98 -14.91 -2.09 -0.61
C TYR A 98 -15.03 -0.61 -0.28
N ARG A 99 -16.07 -0.24 0.47
CA ARG A 99 -16.23 1.16 0.84
C ARG A 99 -15.04 1.65 1.66
N GLU A 100 -14.66 0.90 2.69
CA GLU A 100 -13.56 1.31 3.56
C GLU A 100 -12.27 1.46 2.79
N GLN A 101 -11.91 0.45 1.98
CA GLN A 101 -10.64 0.49 1.28
C GLN A 101 -10.62 1.55 0.18
N ILE A 102 -11.76 1.80 -0.47
CA ILE A 102 -11.80 2.88 -1.47
C ILE A 102 -11.60 4.23 -0.79
N LYS A 103 -12.28 4.47 0.33
CA LYS A 103 -12.06 5.71 1.07
C LYS A 103 -10.62 5.83 1.53
N ARG A 104 -10.00 4.71 1.89
CA ARG A 104 -8.62 4.75 2.37
C ARG A 104 -7.64 5.07 1.24
N VAL A 105 -7.82 4.45 0.07
CA VAL A 105 -6.88 4.68 -1.02
C VAL A 105 -7.11 6.04 -1.68
N LYS A 106 -8.33 6.56 -1.64
CA LYS A 106 -8.56 7.90 -2.16
C LYS A 106 -8.10 8.99 -1.20
N ASP A 107 -7.81 8.64 0.05
CA ASP A 107 -7.42 9.60 1.09
C ASP A 107 -8.45 10.72 1.21
N SER A 108 -9.72 10.31 1.32
CA SER A 108 -10.82 11.25 1.41
C SER A 108 -11.97 10.61 2.16
N GLU A 109 -12.72 11.45 2.89
CA GLU A 109 -13.93 11.00 3.56
C GLU A 109 -15.15 11.02 2.65
N ASP A 110 -15.14 11.82 1.60
CA ASP A 110 -16.28 12.01 0.71
C ASP A 110 -15.87 11.53 -0.69
N VAL A 111 -16.21 10.29 -1.01
CA VAL A 111 -15.90 9.68 -2.30
C VAL A 111 -17.22 9.30 -2.97
N PRO A 112 -17.46 9.73 -4.20
CA PRO A 112 -18.73 9.39 -4.88
C PRO A 112 -18.85 7.88 -5.11
N MET A 113 -19.90 7.31 -4.54
CA MET A 113 -20.15 5.87 -4.63
C MET A 113 -21.63 5.63 -4.83
N VAL A 114 -21.95 4.51 -5.47
CA VAL A 114 -23.33 4.06 -5.61
C VAL A 114 -23.39 2.55 -5.36
N LEU A 115 -24.27 2.14 -4.45
CA LEU A 115 -24.48 0.71 -4.20
C LEU A 115 -25.42 0.15 -5.25
N VAL A 116 -25.05 -0.98 -5.84
CA VAL A 116 -25.79 -1.58 -6.93
C VAL A 116 -26.08 -3.03 -6.57
N GLY A 117 -27.36 -3.40 -6.61
CA GLY A 117 -27.78 -4.78 -6.41
C GLY A 117 -28.23 -5.40 -7.71
N ASN A 118 -27.31 -6.12 -8.37
CA ASN A 118 -27.54 -6.66 -9.70
C ASN A 118 -28.30 -7.98 -9.63
N LYS A 119 -28.68 -8.47 -10.81
CA LYS A 119 -29.41 -9.74 -10.96
C LYS A 119 -30.78 -9.67 -10.31
N SER A 120 -31.42 -8.51 -10.34
CA SER A 120 -32.76 -8.37 -9.79
C SER A 120 -33.80 -9.20 -10.53
N ASP A 121 -33.44 -9.76 -11.69
CA ASP A 121 -34.35 -10.61 -12.44
C ASP A 121 -34.44 -12.02 -11.86
N LEU A 122 -33.50 -12.42 -11.02
CA LEU A 122 -33.44 -13.78 -10.50
C LEU A 122 -34.51 -14.01 -9.44
N PRO A 123 -34.97 -15.25 -9.28
CA PRO A 123 -35.95 -15.54 -8.23
C PRO A 123 -35.30 -16.02 -6.94
N SER A 124 -34.05 -16.47 -7.02
CA SER A 124 -33.34 -17.05 -5.87
C SER A 124 -32.65 -15.99 -5.02
N ARG A 125 -33.45 -15.04 -4.54
CA ARG A 125 -32.90 -13.93 -3.76
C ARG A 125 -32.48 -14.39 -2.37
N THR A 126 -31.28 -13.98 -1.95
CA THR A 126 -30.83 -14.19 -0.58
C THR A 126 -30.48 -12.89 0.14
N VAL A 127 -30.44 -11.76 -0.57
CA VAL A 127 -30.21 -10.45 0.04
C VAL A 127 -31.47 -9.63 -0.16
N ASP A 128 -32.10 -9.23 0.94
CA ASP A 128 -33.33 -8.46 0.86
C ASP A 128 -33.04 -7.01 0.48
N THR A 129 -33.99 -6.41 -0.25
CA THR A 129 -33.86 -5.01 -0.65
C THR A 129 -33.74 -4.09 0.57
N LYS A 130 -34.40 -4.44 1.67
CA LYS A 130 -34.36 -3.59 2.86
C LYS A 130 -32.96 -3.55 3.46
N GLN A 131 -32.24 -4.67 3.44
CA GLN A 131 -30.88 -4.70 3.97
C GLN A 131 -29.97 -3.76 3.19
N ALA A 132 -30.01 -3.85 1.86
CA ALA A 132 -29.19 -2.99 1.03
C ALA A 132 -29.59 -1.53 1.17
N GLN A 133 -30.89 -1.26 1.30
CA GLN A 133 -31.34 0.11 1.54
C GLN A 133 -30.79 0.65 2.85
N ASP A 134 -30.80 -0.17 3.90
CA ASP A 134 -30.26 0.26 5.19
C ASP A 134 -28.77 0.54 5.11
N LEU A 135 -28.03 -0.33 4.41
CA LEU A 135 -26.58 -0.11 4.27
C LEU A 135 -26.31 1.18 3.50
N ALA A 136 -27.00 1.37 2.37
CA ALA A 136 -26.80 2.58 1.57
C ALA A 136 -27.18 3.83 2.37
N ARG A 137 -28.22 3.73 3.20
CA ARG A 137 -28.60 4.87 4.04
C ARG A 137 -27.54 5.17 5.08
N SER A 138 -26.98 4.13 5.71
CA SER A 138 -25.91 4.34 6.67
C SER A 138 -24.66 4.89 6.03
N TYR A 139 -24.47 4.68 4.73
CA TYR A 139 -23.34 5.29 4.03
C TYR A 139 -23.66 6.66 3.44
N GLY A 140 -24.94 7.03 3.36
CA GLY A 140 -25.30 8.28 2.71
C GLY A 140 -25.11 8.26 1.21
N ILE A 141 -25.36 7.12 0.59
CA ILE A 141 -25.18 6.94 -0.85
C ILE A 141 -26.40 6.30 -1.44
N PRO A 142 -26.64 6.46 -2.75
CA PRO A 142 -27.81 5.85 -3.38
C PRO A 142 -27.65 4.34 -3.56
N PHE A 143 -28.80 3.68 -3.69
CA PHE A 143 -28.89 2.25 -3.93
C PHE A 143 -29.78 2.00 -5.13
N ILE A 144 -29.26 1.28 -6.12
CA ILE A 144 -29.98 1.00 -7.36
C ILE A 144 -30.06 -0.51 -7.55
N GLU A 145 -31.26 -1.02 -7.78
CA GLU A 145 -31.45 -2.41 -8.17
C GLU A 145 -31.37 -2.51 -9.68
N THR A 146 -30.44 -3.30 -10.18
CA THR A 146 -30.23 -3.44 -11.61
C THR A 146 -30.38 -4.88 -12.04
N SER A 147 -30.55 -5.05 -13.35
CA SER A 147 -30.49 -6.36 -14.00
C SER A 147 -29.79 -6.16 -15.33
N ALA A 148 -28.56 -6.65 -15.46
CA ALA A 148 -27.87 -6.58 -16.74
C ALA A 148 -28.56 -7.41 -17.80
N LYS A 149 -29.37 -8.39 -17.41
CA LYS A 149 -30.07 -9.21 -18.39
C LYS A 149 -31.22 -8.44 -19.02
N THR A 150 -32.05 -7.79 -18.20
CA THR A 150 -33.20 -7.05 -18.69
C THR A 150 -32.95 -5.56 -18.85
N ARG A 151 -31.72 -5.10 -18.58
CA ARG A 151 -31.30 -3.70 -18.70
C ARG A 151 -32.03 -2.78 -17.72
N GLN A 152 -32.75 -3.32 -16.74
CA GLN A 152 -33.43 -2.50 -15.76
C GLN A 152 -32.41 -1.78 -14.87
N GLY A 153 -32.45 -0.45 -14.87
CA GLY A 153 -31.68 0.34 -13.92
C GLY A 153 -30.22 0.56 -14.25
N VAL A 154 -29.76 0.12 -15.42
CA VAL A 154 -28.34 0.24 -15.77
C VAL A 154 -27.96 1.72 -15.93
N ASP A 155 -28.58 2.37 -16.92
CA ASP A 155 -28.37 3.80 -17.13
C ASP A 155 -28.58 4.57 -15.84
N ASP A 156 -29.57 4.17 -15.04
CA ASP A 156 -29.84 4.88 -13.80
C ASP A 156 -28.65 4.80 -12.85
N ALA A 157 -28.07 3.61 -12.69
CA ALA A 157 -26.91 3.48 -11.80
C ALA A 157 -25.76 4.36 -12.27
N PHE A 158 -25.39 4.25 -13.56
CA PHE A 158 -24.23 5.02 -14.01
C PHE A 158 -24.50 6.52 -13.98
N TYR A 159 -25.72 6.93 -14.32
CA TYR A 159 -26.06 8.36 -14.32
C TYR A 159 -26.11 8.91 -12.91
N THR A 160 -26.58 8.12 -11.96
CA THR A 160 -26.57 8.55 -10.55
C THR A 160 -25.13 8.71 -10.06
N LEU A 161 -24.23 7.82 -10.48
CA LEU A 161 -22.84 8.00 -10.11
C LEU A 161 -22.27 9.29 -10.70
N VAL A 162 -22.58 9.57 -11.97
CA VAL A 162 -22.12 10.82 -12.59
C VAL A 162 -22.66 12.02 -11.82
N ARG A 163 -23.93 11.96 -11.41
CA ARG A 163 -24.51 13.05 -10.63
C ARG A 163 -23.78 13.23 -9.31
N GLU A 164 -23.52 12.13 -8.60
CA GLU A 164 -22.78 12.19 -7.34
C GLU A 164 -21.43 12.86 -7.54
N ILE A 165 -20.75 12.54 -8.64
CA ILE A 165 -19.47 13.19 -8.92
C ILE A 165 -19.67 14.68 -9.15
N ARG A 166 -20.73 15.07 -9.86
CA ARG A 166 -21.01 16.49 -10.06
C ARG A 166 -21.22 17.20 -8.72
N LYS A 167 -21.88 16.69 -7.81
CA LYS A 167 -22.10 17.36 -6.51
C LYS A 167 -20.80 17.41 -5.72
N HIS A 168 -19.96 16.29 -5.84
CA HIS A 168 -18.69 16.35 -5.13
C HIS A 168 -17.79 17.44 -5.70
N LYS A 169 -17.83 17.64 -7.01
CA LYS A 169 -16.91 18.59 -7.64
C LYS A 169 -17.24 20.04 -7.27
N GLU A 170 -18.50 20.32 -6.94
CA GLU A 170 -18.90 21.67 -6.56
C GLU A 170 -19.04 21.79 -5.05
N SER B 4 0.87 -10.92 -7.92
CA SER B 4 0.99 -10.14 -6.66
C SER B 4 0.40 -10.97 -5.52
N VAL B 5 1.24 -11.55 -4.68
CA VAL B 5 0.79 -12.49 -3.66
C VAL B 5 1.40 -12.10 -2.31
N PRO B 6 0.65 -12.21 -1.21
CA PRO B 6 1.26 -11.96 0.12
C PRO B 6 2.35 -12.97 0.44
N THR B 7 3.26 -12.58 1.32
CA THR B 7 4.41 -13.40 1.66
C THR B 7 4.69 -13.35 3.15
N LYS B 8 5.62 -14.22 3.60
CA LYS B 8 6.12 -14.24 4.97
C LYS B 8 4.98 -14.40 5.97
N LEU B 9 4.17 -15.44 5.76
CA LEU B 9 3.13 -15.83 6.69
C LEU B 9 3.76 -16.58 7.86
N GLU B 10 3.44 -16.15 9.09
CA GLU B 10 4.07 -16.73 10.27
C GLU B 10 3.24 -16.37 11.50
N VAL B 11 3.50 -17.09 12.58
CA VAL B 11 2.90 -16.84 13.88
C VAL B 11 3.89 -16.06 14.73
N VAL B 12 3.48 -14.88 15.21
CA VAL B 12 4.37 -14.05 16.01
C VAL B 12 4.07 -14.14 17.50
N ALA B 13 2.98 -14.80 17.91
CA ALA B 13 2.67 -14.95 19.33
C ALA B 13 1.62 -16.05 19.50
N ALA B 14 1.68 -16.73 20.64
CA ALA B 14 0.78 -17.85 20.83
C ALA B 14 0.54 -18.07 22.31
N THR B 15 -0.67 -18.59 22.53
CA THR B 15 -1.07 -19.06 23.86
C THR B 15 -1.53 -20.47 23.48
N PRO B 16 -1.85 -21.41 24.39
CA PRO B 16 -2.36 -22.73 24.01
C PRO B 16 -3.76 -22.72 23.44
N THR B 17 -4.37 -21.55 23.31
CA THR B 17 -5.72 -21.40 22.80
C THR B 17 -5.86 -20.29 21.77
N SER B 18 -4.77 -19.62 21.39
CA SER B 18 -4.85 -18.48 20.49
C SER B 18 -3.52 -18.28 19.76
N LEU B 19 -3.63 -17.76 18.53
CA LEU B 19 -2.50 -17.42 17.69
C LEU B 19 -2.62 -15.99 17.19
N LEU B 20 -1.48 -15.36 16.94
CA LEU B 20 -1.42 -14.14 16.15
C LEU B 20 -0.61 -14.43 14.91
N VAL B 21 -1.22 -14.27 13.75
CA VAL B 21 -0.59 -14.57 12.47
C VAL B 21 -0.38 -13.26 11.72
N SER B 22 0.68 -13.22 10.92
CA SER B 22 1.03 -12.00 10.20
C SER B 22 1.57 -12.35 8.82
N TRP B 23 1.51 -11.39 7.91
CA TRP B 23 2.03 -11.54 6.56
C TRP B 23 2.41 -10.16 6.03
N ASP B 24 3.18 -10.11 4.94
CA ASP B 24 3.44 -8.84 4.27
C ASP B 24 2.54 -8.70 3.05
N ALA B 25 1.92 -7.54 2.94
CA ALA B 25 0.96 -7.28 1.89
C ALA B 25 1.66 -7.19 0.52
N PRO B 26 0.98 -7.59 -0.54
CA PRO B 26 1.52 -7.42 -1.88
C PRO B 26 1.43 -5.96 -2.32
N ALA B 27 2.09 -5.66 -3.44
CA ALA B 27 2.06 -4.31 -3.97
C ALA B 27 0.68 -3.95 -4.51
N VAL B 28 -0.09 -4.94 -4.95
CA VAL B 28 -1.43 -4.69 -5.48
C VAL B 28 -2.37 -4.32 -4.33
N THR B 29 -3.32 -3.43 -4.63
CA THR B 29 -4.29 -3.02 -3.63
C THR B 29 -5.22 -4.17 -3.29
N VAL B 30 -5.36 -4.45 -1.99
CA VAL B 30 -6.18 -5.55 -1.50
C VAL B 30 -7.40 -4.96 -0.80
N VAL B 31 -8.59 -5.49 -1.12
CA VAL B 31 -9.80 -5.03 -0.46
C VAL B 31 -10.03 -5.77 0.86
N PHE B 32 -9.80 -7.08 0.88
CA PHE B 32 -9.85 -7.82 2.13
C PHE B 32 -9.04 -9.10 2.00
N TYR B 33 -8.65 -9.65 3.15
CA TYR B 33 -7.98 -10.94 3.25
C TYR B 33 -8.96 -11.96 3.78
N ASP B 34 -9.08 -13.09 3.07
CA ASP B 34 -9.94 -14.18 3.50
C ASP B 34 -9.10 -15.23 4.21
N ILE B 35 -9.50 -15.58 5.43
CA ILE B 35 -8.71 -16.46 6.30
C ILE B 35 -9.57 -17.65 6.69
N THR B 36 -9.00 -18.85 6.55
CA THR B 36 -9.63 -20.08 7.01
C THR B 36 -8.64 -20.82 7.90
N TYR B 37 -9.16 -21.44 8.96
CA TYR B 37 -8.32 -22.20 9.88
C TYR B 37 -9.07 -23.42 10.39
N GLY B 38 -8.34 -24.49 10.66
CA GLY B 38 -8.94 -25.70 11.17
C GLY B 38 -7.87 -26.73 11.46
N GLU B 39 -8.30 -27.80 12.12
CA GLU B 39 -7.41 -28.90 12.43
C GLU B 39 -6.78 -29.47 11.17
N THR B 40 -5.46 -29.63 11.19
CA THR B 40 -4.78 -30.31 10.09
C THR B 40 -5.26 -31.74 10.01
N GLY B 41 -5.51 -32.21 8.79
CA GLY B 41 -6.10 -33.52 8.58
C GLY B 41 -7.61 -33.54 8.59
N GLY B 42 -8.26 -32.42 8.88
CA GLY B 42 -9.70 -32.33 8.77
C GLY B 42 -10.49 -33.12 9.79
N ASN B 43 -9.96 -33.29 10.99
CA ASN B 43 -10.73 -33.97 12.04
C ASN B 43 -11.98 -33.17 12.41
N SER B 44 -11.85 -31.84 12.44
CA SER B 44 -12.95 -30.92 12.69
C SER B 44 -13.08 -29.97 11.50
N PRO B 45 -14.26 -29.38 11.30
CA PRO B 45 -14.43 -28.47 10.17
C PRO B 45 -13.66 -27.17 10.35
N VAL B 46 -13.39 -26.52 9.22
CA VAL B 46 -12.68 -25.25 9.26
C VAL B 46 -13.65 -24.12 9.60
N GLN B 47 -13.09 -22.99 9.99
CA GLN B 47 -13.83 -21.75 10.18
C GLN B 47 -13.19 -20.66 9.34
N GLU B 48 -14.01 -19.70 8.93
CA GLU B 48 -13.59 -18.71 7.95
C GLU B 48 -14.04 -17.33 8.39
N PHE B 49 -13.23 -16.32 8.07
CA PHE B 49 -13.60 -14.93 8.29
C PHE B 49 -12.77 -14.05 7.36
N THR B 50 -13.06 -12.75 7.39
CA THR B 50 -12.36 -11.79 6.56
C THR B 50 -11.75 -10.70 7.44
N VAL B 51 -10.68 -10.10 6.92
CA VAL B 51 -9.93 -9.06 7.61
C VAL B 51 -9.78 -7.91 6.63
N PRO B 52 -9.91 -6.65 7.05
CA PRO B 52 -9.76 -5.53 6.12
C PRO B 52 -8.43 -5.58 5.38
N GLY B 53 -8.46 -5.12 4.12
CA GLY B 53 -7.27 -5.08 3.30
C GLY B 53 -6.18 -4.16 3.81
N SER B 54 -6.49 -3.31 4.79
CA SER B 54 -5.51 -2.44 5.42
C SER B 54 -4.76 -3.11 6.56
N LYS B 55 -5.08 -4.36 6.88
CA LYS B 55 -4.45 -5.10 7.96
C LYS B 55 -3.48 -6.13 7.40
N SER B 56 -2.47 -6.46 8.19
CA SER B 56 -1.51 -7.49 7.83
C SER B 56 -1.37 -8.55 8.92
N THR B 57 -2.27 -8.57 9.91
CA THR B 57 -2.27 -9.57 10.96
C THR B 57 -3.69 -10.08 11.17
N ALA B 58 -3.79 -11.12 12.00
CA ALA B 58 -5.07 -11.72 12.36
C ALA B 58 -4.90 -12.53 13.63
N THR B 59 -5.87 -12.44 14.53
CA THR B 59 -5.84 -13.16 15.79
C THR B 59 -6.90 -14.25 15.77
N ILE B 60 -6.46 -15.49 15.98
CA ILE B 60 -7.36 -16.66 15.99
C ILE B 60 -7.46 -17.16 17.42
N SER B 61 -8.69 -17.20 17.94
CA SER B 61 -8.93 -17.53 19.34
C SER B 61 -9.71 -18.84 19.46
N GLY B 62 -9.75 -19.36 20.69
CA GLY B 62 -10.56 -20.52 21.00
C GLY B 62 -9.99 -21.86 20.60
N LEU B 63 -8.67 -21.97 20.47
CA LEU B 63 -8.08 -23.21 20.02
C LEU B 63 -7.87 -24.16 21.19
N SER B 64 -7.46 -25.39 20.86
CA SER B 64 -7.23 -26.46 21.82
C SER B 64 -5.74 -26.74 21.97
N PRO B 65 -5.26 -27.00 23.18
CA PRO B 65 -3.82 -27.23 23.37
C PRO B 65 -3.36 -28.50 22.67
N GLY B 66 -2.13 -28.46 22.19
CA GLY B 66 -1.51 -29.64 21.59
C GLY B 66 -2.09 -30.09 20.28
N VAL B 67 -2.69 -29.17 19.52
CA VAL B 67 -3.40 -29.52 18.29
C VAL B 67 -2.74 -28.82 17.11
N ASP B 68 -2.55 -29.57 16.03
CA ASP B 68 -1.98 -29.02 14.80
C ASP B 68 -3.08 -28.33 13.99
N TYR B 69 -2.85 -27.06 13.67
CA TYR B 69 -3.79 -26.25 12.92
C TYR B 69 -3.16 -25.79 11.62
N THR B 70 -3.99 -25.68 10.59
CA THR B 70 -3.59 -25.16 9.29
C THR B 70 -4.29 -23.83 9.07
N ILE B 71 -3.51 -22.77 8.85
CA ILE B 71 -4.05 -21.45 8.59
C ILE B 71 -3.74 -21.08 7.15
N THR B 72 -4.78 -20.69 6.40
CA THR B 72 -4.69 -20.33 5.00
C THR B 72 -5.18 -18.90 4.81
N VAL B 73 -4.49 -18.15 3.95
CA VAL B 73 -4.79 -16.76 3.69
C VAL B 73 -4.90 -16.57 2.18
N TYR B 74 -6.02 -15.98 1.75
CA TYR B 74 -6.23 -15.44 0.42
C TYR B 74 -6.30 -13.93 0.50
N ALA B 75 -5.86 -13.26 -0.56
CA ALA B 75 -5.98 -11.82 -0.70
C ALA B 75 -6.92 -11.52 -1.86
N LYS B 76 -8.02 -10.83 -1.58
CA LYS B 76 -8.95 -10.42 -2.62
C LYS B 76 -8.50 -9.07 -3.18
N TYR B 77 -8.32 -9.02 -4.50
CA TYR B 77 -7.87 -7.80 -5.15
C TYR B 77 -9.01 -6.80 -5.24
N LEU B 78 -8.70 -5.53 -4.98
CA LEU B 78 -9.72 -4.48 -5.04
C LEU B 78 -10.16 -4.21 -6.47
N PHE B 79 -9.21 -4.17 -7.41
CA PHE B 79 -9.49 -3.76 -8.78
C PHE B 79 -9.26 -4.87 -9.80
N TRP B 80 -9.03 -6.11 -9.36
CA TRP B 80 -8.82 -7.23 -10.26
C TRP B 80 -9.62 -8.43 -9.77
N SER B 81 -10.03 -9.27 -10.71
CA SER B 81 -10.88 -10.40 -10.39
C SER B 81 -10.15 -11.41 -9.51
N GLY B 82 -10.92 -12.27 -8.87
CA GLY B 82 -10.35 -13.38 -8.13
C GLY B 82 -9.48 -12.98 -6.95
N TYR B 83 -8.75 -13.98 -6.46
CA TYR B 83 -7.88 -13.86 -5.30
C TYR B 83 -6.45 -14.16 -5.67
N SER B 84 -5.54 -13.86 -4.74
CA SER B 84 -4.18 -14.36 -4.83
C SER B 84 -4.16 -15.86 -4.59
N SER B 85 -3.07 -16.49 -5.00
CA SER B 85 -2.89 -17.90 -4.67
C SER B 85 -2.80 -18.04 -3.15
N PRO B 86 -3.49 -19.03 -2.56
CA PRO B 86 -3.52 -19.14 -1.10
C PRO B 86 -2.14 -19.46 -0.55
N ILE B 87 -1.87 -18.95 0.66
CA ILE B 87 -0.66 -19.30 1.37
C ILE B 87 -1.05 -19.87 2.73
N SER B 88 -0.37 -20.93 3.15
CA SER B 88 -0.77 -21.66 4.35
C SER B 88 0.44 -21.96 5.21
N ILE B 89 0.20 -22.06 6.52
CA ILE B 89 1.18 -22.58 7.46
C ILE B 89 0.51 -23.56 8.42
N ASN B 90 1.33 -24.42 9.02
CA ASN B 90 0.94 -25.33 10.07
C ASN B 90 1.54 -24.86 11.38
N TYR B 91 0.76 -24.94 12.46
CA TYR B 91 1.25 -24.59 13.78
C TYR B 91 0.61 -25.48 14.82
N ARG B 92 1.42 -25.95 15.76
CA ARG B 92 0.94 -26.79 16.86
C ARG B 92 0.93 -25.98 18.14
N THR B 93 -0.26 -25.82 18.73
CA THR B 93 -0.37 -25.17 20.02
C THR B 93 0.10 -26.11 21.13
N GLU B 94 0.28 -25.53 22.32
CA GLU B 94 0.47 -26.25 23.60
C GLU B 94 0.87 -25.25 24.67
N MET C 3 15.16 8.69 -27.91
CA MET C 3 16.03 8.95 -26.77
C MET C 3 15.35 8.51 -25.48
N THR C 4 16.04 7.66 -24.72
CA THR C 4 15.42 6.93 -23.62
C THR C 4 15.40 7.75 -22.33
N GLU C 5 14.38 7.50 -21.52
CA GLU C 5 14.19 8.12 -20.22
C GLU C 5 14.54 7.13 -19.12
N TYR C 6 15.06 7.66 -18.01
CA TYR C 6 15.38 6.85 -16.83
C TYR C 6 14.82 7.55 -15.61
N LYS C 7 13.88 6.89 -14.93
CA LYS C 7 13.27 7.43 -13.72
C LYS C 7 14.06 6.92 -12.51
N LEU C 8 14.72 7.85 -11.82
CA LEU C 8 15.50 7.56 -10.64
C LEU C 8 14.77 8.14 -9.43
N VAL C 9 14.81 7.42 -8.31
CA VAL C 9 14.24 7.87 -7.05
C VAL C 9 15.33 7.88 -6.01
N VAL C 10 15.39 8.94 -5.21
CA VAL C 10 16.42 9.09 -4.19
C VAL C 10 15.76 8.93 -2.82
N VAL C 11 16.16 7.88 -2.08
CA VAL C 11 15.57 7.59 -0.79
C VAL C 11 16.66 7.46 0.26
N GLY C 12 16.28 7.69 1.50
CA GLY C 12 17.22 7.60 2.61
C GLY C 12 16.68 8.34 3.82
N ALA C 13 17.46 8.27 4.89
CA ALA C 13 17.08 8.90 6.15
C ALA C 13 17.14 10.42 6.04
N ASP C 14 16.67 11.09 7.08
CA ASP C 14 16.62 12.55 7.08
C ASP C 14 18.02 13.14 7.14
N GLY C 15 18.22 14.23 6.38
CA GLY C 15 19.44 15.00 6.45
C GLY C 15 20.68 14.33 5.91
N VAL C 16 20.55 13.24 5.15
CA VAL C 16 21.72 12.56 4.60
C VAL C 16 22.23 13.22 3.31
N GLY C 17 21.50 14.18 2.77
CA GLY C 17 21.93 14.88 1.58
C GLY C 17 21.31 14.43 0.28
N LYS C 18 20.06 13.97 0.29
CA LYS C 18 19.40 13.55 -0.94
C LYS C 18 19.19 14.73 -1.87
N SER C 19 18.56 15.80 -1.36
CA SER C 19 18.34 17.00 -2.16
C SER C 19 19.66 17.60 -2.62
N ALA C 20 20.68 17.58 -1.75
CA ALA C 20 21.99 18.09 -2.12
C ALA C 20 22.56 17.31 -3.31
N LEU C 21 22.47 15.99 -3.26
CA LEU C 21 22.95 15.16 -4.37
C LEU C 21 22.20 15.48 -5.66
N THR C 22 20.87 15.57 -5.59
CA THR C 22 20.09 15.85 -6.81
C THR C 22 20.45 17.21 -7.40
N ILE C 23 20.43 18.26 -6.57
CA ILE C 23 20.71 19.60 -7.06
C ILE C 23 22.13 19.69 -7.59
N GLN C 24 23.08 19.00 -6.95
CA GLN C 24 24.44 18.98 -7.45
C GLN C 24 24.53 18.24 -8.78
N LEU C 25 23.66 17.26 -9.01
CA LEU C 25 23.64 16.61 -10.32
C LEU C 25 23.14 17.56 -11.39
N ILE C 26 22.13 18.38 -11.09
CA ILE C 26 21.54 19.20 -12.15
C ILE C 26 22.38 20.43 -12.46
N GLN C 27 22.90 21.12 -11.44
CA GLN C 27 23.79 22.30 -11.59
C GLN C 27 23.01 23.41 -12.29
N ASN C 28 23.66 24.11 -13.23
CA ASN C 28 23.07 25.10 -14.11
C ASN C 28 22.82 24.53 -15.50
N HIS C 29 22.27 23.33 -15.57
CA HIS C 29 21.92 22.70 -16.84
C HIS C 29 20.54 22.06 -16.77
N ASP C 32 12.93 20.99 -19.86
CA ASP C 32 12.92 22.29 -20.53
C ASP C 32 12.94 23.41 -19.51
N GLU C 33 13.70 24.47 -19.81
CA GLU C 33 13.89 25.57 -18.87
C GLU C 33 12.63 26.44 -18.77
N TYR C 34 12.26 27.10 -19.85
CA TYR C 34 11.23 28.14 -19.81
C TYR C 34 9.83 27.60 -20.04
N ASP C 35 9.50 26.44 -19.50
CA ASP C 35 8.15 25.88 -19.61
C ASP C 35 7.54 25.82 -18.22
N PRO C 36 6.55 26.68 -17.91
CA PRO C 36 5.97 26.66 -16.56
C PRO C 36 4.90 25.60 -16.36
N THR C 37 4.29 25.10 -17.44
CA THR C 37 3.27 24.06 -17.29
C THR C 37 3.87 22.79 -16.72
N ILE C 38 5.10 22.47 -17.09
CA ILE C 38 5.80 21.32 -16.53
C ILE C 38 6.08 21.61 -15.06
N GLU C 39 5.33 20.94 -14.17
CA GLU C 39 5.53 21.06 -12.74
C GLU C 39 6.98 20.74 -12.37
N ASP C 40 7.42 21.19 -11.19
CA ASP C 40 8.79 21.06 -10.73
C ASP C 40 9.41 19.72 -11.09
N SER C 41 10.29 19.72 -12.09
CA SER C 41 10.88 18.50 -12.61
C SER C 41 12.40 18.61 -12.59
N TYR C 42 13.06 17.57 -12.08
CA TYR C 42 14.52 17.48 -12.08
C TYR C 42 14.94 16.55 -13.23
N ARG C 43 15.02 17.12 -14.43
CA ARG C 43 15.36 16.34 -15.60
C ARG C 43 16.66 16.87 -16.22
N LYS C 44 17.45 15.95 -16.77
CA LYS C 44 18.75 16.33 -17.32
C LYS C 44 19.15 15.40 -18.46
N GLN C 45 19.70 15.99 -19.51
CA GLN C 45 20.29 15.22 -20.61
C GLN C 45 21.73 14.87 -20.25
N VAL C 46 22.09 13.60 -20.42
CA VAL C 46 23.44 13.13 -20.08
C VAL C 46 23.91 12.14 -21.13
N VAL C 47 25.21 12.16 -21.41
CA VAL C 47 25.87 11.14 -22.22
C VAL C 47 26.52 10.15 -21.27
N ILE C 48 26.03 8.90 -21.26
CA ILE C 48 26.56 7.86 -20.40
C ILE C 48 27.04 6.73 -21.31
N ASP C 49 28.33 6.41 -21.23
CA ASP C 49 28.95 5.36 -22.04
C ASP C 49 28.67 5.55 -23.53
N GLY C 50 28.40 6.79 -23.94
CA GLY C 50 28.14 7.13 -25.32
C GLY C 50 26.68 7.43 -25.62
N GLU C 51 25.75 6.82 -24.89
CA GLU C 51 24.33 6.98 -25.18
C GLU C 51 23.79 8.24 -24.51
N THR C 52 23.03 9.02 -25.28
CA THR C 52 22.37 10.20 -24.74
C THR C 52 21.04 9.79 -24.11
N SER C 53 20.78 10.25 -22.89
CA SER C 53 19.65 9.78 -22.11
C SER C 53 19.08 10.93 -21.30
N LEU C 54 17.83 10.79 -20.86
CA LEU C 54 17.18 11.82 -20.06
C LEU C 54 16.86 11.26 -18.68
N LEU C 55 17.48 11.84 -17.66
CA LEU C 55 17.29 11.44 -16.28
C LEU C 55 16.16 12.25 -15.67
N ASP C 56 15.21 11.57 -15.05
CA ASP C 56 14.09 12.17 -14.31
C ASP C 56 14.27 11.77 -12.85
N ILE C 57 14.70 12.72 -12.03
CA ILE C 57 15.07 12.47 -10.64
C ILE C 57 13.88 12.82 -9.75
N LEU C 58 13.49 11.88 -8.90
CA LEU C 58 12.42 12.07 -7.93
C LEU C 58 13.06 12.09 -6.55
N ASP C 59 13.15 13.28 -5.96
CA ASP C 59 13.68 13.46 -4.63
C ASP C 59 12.63 13.05 -3.60
N THR C 60 13.08 12.92 -2.35
CA THR C 60 12.16 12.68 -1.23
C THR C 60 11.59 14.02 -0.79
N ALA C 61 10.33 14.26 -1.11
CA ALA C 61 9.70 15.54 -0.83
C ALA C 61 9.21 15.59 0.61
N GLY C 62 8.91 16.81 1.06
CA GLY C 62 8.46 17.00 2.43
C GLY C 62 7.04 16.51 2.65
N GLN C 63 6.70 16.33 3.92
CA GLN C 63 5.37 15.85 4.29
C GLN C 63 4.28 16.80 3.82
N GLU C 64 4.57 18.10 3.76
CA GLU C 64 3.56 19.09 3.38
C GLU C 64 3.11 18.91 1.93
N GLU C 65 3.89 18.22 1.11
CA GLU C 65 3.54 17.99 -0.28
C GLU C 65 2.88 16.63 -0.50
N TYR C 66 2.47 15.95 0.57
CA TYR C 66 1.99 14.58 0.43
C TYR C 66 0.70 14.52 -0.37
N SER C 67 0.59 13.49 -1.21
CA SER C 67 -0.66 13.07 -1.82
C SER C 67 -0.57 11.57 -2.03
N ALA C 68 -1.70 10.88 -1.86
CA ALA C 68 -1.70 9.42 -2.04
C ALA C 68 -1.26 9.04 -3.45
N MET C 69 -1.70 9.82 -4.45
CA MET C 69 -1.32 9.54 -5.83
C MET C 69 0.19 9.58 -6.00
N ARG C 70 0.86 10.58 -5.42
CA ARG C 70 2.31 10.68 -5.58
C ARG C 70 3.02 9.59 -4.79
N ASP C 71 2.51 9.25 -3.60
CA ASP C 71 3.09 8.15 -2.85
C ASP C 71 3.05 6.85 -3.64
N GLN C 72 1.96 6.61 -4.38
CA GLN C 72 1.91 5.43 -5.24
C GLN C 72 2.81 5.61 -6.45
N TYR C 73 2.88 6.83 -7.00
CA TYR C 73 3.67 7.08 -8.20
C TYR C 73 5.15 6.84 -7.96
N MET C 74 5.63 7.09 -6.75
CA MET C 74 7.04 6.82 -6.44
C MET C 74 7.41 5.36 -6.68
N ARG C 75 6.43 4.44 -6.67
CA ARG C 75 6.72 3.04 -6.93
C ARG C 75 7.11 2.79 -8.39
N THR C 76 6.75 3.68 -9.31
CA THR C 76 7.07 3.50 -10.72
C THR C 76 8.51 3.84 -11.07
N GLY C 77 9.34 4.14 -10.07
CA GLY C 77 10.73 4.47 -10.35
C GLY C 77 11.48 3.28 -10.91
N GLU C 78 12.30 3.54 -11.92
CA GLU C 78 13.10 2.47 -12.51
C GLU C 78 14.31 2.12 -11.65
N GLY C 79 14.98 3.13 -11.08
CA GLY C 79 16.12 2.89 -10.24
C GLY C 79 15.99 3.61 -8.91
N PHE C 80 16.70 3.10 -7.91
CA PHE C 80 16.64 3.66 -6.56
C PHE C 80 18.04 3.87 -6.00
N LEU C 81 18.25 5.07 -5.46
CA LEU C 81 19.51 5.47 -4.83
C LEU C 81 19.29 5.44 -3.32
N LEU C 82 19.93 4.48 -2.65
CA LEU C 82 19.81 4.29 -1.21
C LEU C 82 20.93 5.09 -0.56
N VAL C 83 20.60 6.27 -0.02
CA VAL C 83 21.59 7.19 0.51
C VAL C 83 21.66 7.07 2.02
N PHE C 84 22.88 7.00 2.54
CA PHE C 84 23.15 7.19 3.96
C PHE C 84 24.30 8.17 4.09
N ALA C 85 24.51 8.66 5.32
CA ALA C 85 25.62 9.55 5.61
C ALA C 85 26.64 8.79 6.46
N ILE C 86 27.93 8.99 6.14
CA ILE C 86 28.99 8.23 6.79
C ILE C 86 29.20 8.62 8.25
N ASN C 87 28.62 9.74 8.68
CA ASN C 87 28.67 10.14 10.08
C ASN C 87 27.36 9.85 10.81
N ASN C 88 26.47 9.06 10.21
CA ASN C 88 25.15 8.76 10.77
C ASN C 88 25.00 7.24 10.74
N THR C 89 25.28 6.60 11.89
CA THR C 89 25.23 5.14 11.96
C THR C 89 23.81 4.63 11.74
N LYS C 90 22.81 5.35 12.25
CA LYS C 90 21.44 4.89 12.12
C LYS C 90 20.98 4.90 10.67
N SER C 91 21.39 5.93 9.90
CA SER C 91 21.01 5.99 8.50
C SER C 91 21.60 4.83 7.71
N PHE C 92 22.73 4.29 8.15
CA PHE C 92 23.31 3.13 7.49
C PHE C 92 22.65 1.84 7.97
N GLU C 93 22.33 1.75 9.25
CA GLU C 93 21.75 0.54 9.81
C GLU C 93 20.29 0.33 9.41
N ASP C 94 19.63 1.35 8.85
CA ASP C 94 18.26 1.23 8.38
C ASP C 94 18.16 1.08 6.87
N ILE C 95 19.30 0.91 6.20
CA ILE C 95 19.30 0.76 4.74
C ILE C 95 18.54 -0.49 4.32
N HIS C 96 18.69 -1.58 5.10
CA HIS C 96 18.02 -2.83 4.76
C HIS C 96 16.50 -2.66 4.76
N HIS C 97 15.98 -1.79 5.63
CA HIS C 97 14.54 -1.51 5.60
C HIS C 97 14.13 -0.91 4.25
N TYR C 98 14.90 0.07 3.77
CA TYR C 98 14.59 0.67 2.47
C TYR C 98 14.63 -0.37 1.37
N ARG C 99 15.67 -1.21 1.37
CA ARG C 99 15.76 -2.25 0.35
C ARG C 99 14.55 -3.18 0.40
N GLU C 100 14.24 -3.70 1.59
CA GLU C 100 13.12 -4.63 1.74
C GLU C 100 11.82 -4.01 1.26
N GLN C 101 11.51 -2.80 1.73
CA GLN C 101 10.21 -2.22 1.45
C GLN C 101 10.09 -1.78 -0.01
N ILE C 102 11.17 -1.28 -0.61
CA ILE C 102 11.12 -0.96 -2.02
C ILE C 102 10.90 -2.22 -2.86
N LYS C 103 11.61 -3.31 -2.51
CA LYS C 103 11.38 -4.56 -3.24
C LYS C 103 9.98 -5.10 -3.02
N ARG C 104 9.37 -4.83 -1.86
CA ARG C 104 8.01 -5.27 -1.62
C ARG C 104 7.02 -4.48 -2.47
N VAL C 105 7.11 -3.15 -2.45
CA VAL C 105 6.17 -2.33 -3.21
C VAL C 105 6.43 -2.36 -4.70
N LYS C 106 7.59 -2.87 -5.14
CA LYS C 106 7.83 -3.08 -6.56
C LYS C 106 7.34 -4.45 -7.04
N ASP C 107 7.03 -5.36 -6.12
CA ASP C 107 6.61 -6.72 -6.46
C ASP C 107 7.68 -7.45 -7.27
N SER C 108 8.94 -7.21 -6.94
CA SER C 108 10.04 -7.76 -7.71
C SER C 108 11.21 -8.09 -6.80
N GLU C 109 11.96 -9.12 -7.20
CA GLU C 109 13.19 -9.50 -6.52
C GLU C 109 14.40 -8.73 -7.02
N ASP C 110 14.35 -8.23 -8.26
CA ASP C 110 15.49 -7.60 -8.92
C ASP C 110 15.09 -6.16 -9.26
N VAL C 111 15.46 -5.24 -8.37
CA VAL C 111 15.17 -3.82 -8.53
C VAL C 111 16.51 -3.10 -8.62
N PRO C 112 16.74 -2.29 -9.66
CA PRO C 112 18.03 -1.57 -9.77
C PRO C 112 18.21 -0.59 -8.62
N MET C 113 19.27 -0.80 -7.84
CA MET C 113 19.56 0.00 -6.67
C MET C 113 21.05 0.25 -6.57
N VAL C 114 21.41 1.38 -5.94
CA VAL C 114 22.80 1.75 -5.72
C VAL C 114 22.95 2.31 -4.31
N LEU C 115 23.89 1.77 -3.54
CA LEU C 115 24.16 2.27 -2.20
C LEU C 115 25.12 3.46 -2.29
N VAL C 116 24.79 4.53 -1.57
CA VAL C 116 25.53 5.79 -1.66
C VAL C 116 25.86 6.27 -0.26
N GLY C 117 27.16 6.33 0.05
CA GLY C 117 27.63 6.91 1.29
C GLY C 117 28.06 8.35 1.11
N ASN C 118 27.19 9.28 1.47
CA ASN C 118 27.40 10.70 1.26
C ASN C 118 28.22 11.31 2.39
N LYS C 119 28.56 12.59 2.23
CA LYS C 119 29.34 13.36 3.21
C LYS C 119 30.71 12.76 3.44
N SER C 120 31.33 12.26 2.37
CA SER C 120 32.67 11.72 2.45
C SER C 120 33.72 12.79 2.79
N ASP C 121 33.37 14.06 2.64
CA ASP C 121 34.30 15.14 2.97
C ASP C 121 34.48 15.33 4.47
N LEU C 122 33.53 14.86 5.28
CA LEU C 122 33.59 15.09 6.71
C LEU C 122 34.70 14.25 7.35
N PRO C 123 35.24 14.71 8.48
CA PRO C 123 36.26 13.91 9.18
C PRO C 123 35.67 13.00 10.24
N SER C 124 34.47 13.33 10.74
CA SER C 124 33.86 12.58 11.83
C SER C 124 33.14 11.34 11.33
N ARG C 125 33.86 10.48 10.62
CA ARG C 125 33.27 9.26 10.07
C ARG C 125 32.88 8.30 11.19
N THR C 126 31.68 7.73 11.09
CA THR C 126 31.21 6.71 12.01
C THR C 126 30.84 5.39 11.33
N VAL C 127 30.76 5.36 9.99
CA VAL C 127 30.50 4.14 9.24
C VAL C 127 31.72 3.87 8.38
N ASP C 128 32.31 2.68 8.56
CA ASP C 128 33.50 2.32 7.81
C ASP C 128 33.14 1.91 6.39
N THR C 129 34.03 2.24 5.45
CA THR C 129 33.80 1.92 4.04
C THR C 129 33.68 0.42 3.84
N LYS C 130 34.39 -0.37 4.65
CA LYS C 130 34.35 -1.83 4.55
C LYS C 130 32.95 -2.36 4.82
N GLN C 131 32.28 -1.83 5.86
CA GLN C 131 30.93 -2.26 6.16
C GLN C 131 30.00 -2.04 4.98
N ALA C 132 30.10 -0.87 4.34
CA ALA C 132 29.23 -0.56 3.22
C ALA C 132 29.55 -1.45 2.01
N GLN C 133 30.83 -1.70 1.74
CA GLN C 133 31.18 -2.64 0.68
C GLN C 133 30.54 -3.99 0.94
N ASP C 134 30.65 -4.49 2.18
CA ASP C 134 30.15 -5.83 2.49
C ASP C 134 28.65 -5.90 2.36
N LEU C 135 27.93 -4.87 2.84
CA LEU C 135 26.48 -4.84 2.70
C LEU C 135 26.08 -4.83 1.23
N ALA C 136 26.73 -3.98 0.43
CA ALA C 136 26.40 -3.89 -0.99
C ALA C 136 26.69 -5.21 -1.71
N ARG C 137 27.77 -5.90 -1.31
CA ARG C 137 28.07 -7.18 -1.92
C ARG C 137 27.06 -8.25 -1.51
N SER C 138 26.60 -8.20 -0.25
CA SER C 138 25.55 -9.12 0.17
C SER C 138 24.25 -8.86 -0.58
N TYR C 139 24.05 -7.63 -1.04
CA TYR C 139 22.89 -7.32 -1.87
C TYR C 139 23.14 -7.53 -3.35
N GLY C 140 24.40 -7.63 -3.78
CA GLY C 140 24.69 -7.70 -5.19
C GLY C 140 24.51 -6.38 -5.92
N ILE C 141 24.76 -5.26 -5.25
CA ILE C 141 24.57 -3.93 -5.82
C ILE C 141 25.82 -3.11 -5.57
N PRO C 142 26.05 -2.07 -6.37
CA PRO C 142 27.26 -1.25 -6.20
C PRO C 142 27.15 -0.29 -5.02
N PHE C 143 28.32 0.15 -4.57
CA PHE C 143 28.45 1.12 -3.49
C PHE C 143 29.37 2.24 -3.94
N ILE C 144 28.93 3.48 -3.77
CA ILE C 144 29.69 4.65 -4.18
C ILE C 144 29.76 5.63 -3.01
N GLU C 145 30.96 6.14 -2.74
CA GLU C 145 31.15 7.20 -1.75
C GLU C 145 31.07 8.55 -2.44
N THR C 146 30.23 9.44 -1.90
CA THR C 146 29.99 10.74 -2.50
C THR C 146 30.15 11.84 -1.47
N SER C 147 30.30 13.06 -1.97
CA SER C 147 30.26 14.28 -1.17
C SER C 147 29.56 15.34 -1.98
N ALA C 148 28.33 15.69 -1.59
CA ALA C 148 27.59 16.73 -2.30
C ALA C 148 28.24 18.10 -2.14
N LYS C 149 29.10 18.27 -1.14
CA LYS C 149 29.76 19.56 -0.95
C LYS C 149 30.87 19.76 -1.98
N THR C 150 31.75 18.78 -2.15
CA THR C 150 32.82 18.85 -3.13
C THR C 150 32.44 18.20 -4.46
N ARG C 151 31.20 17.73 -4.59
CA ARG C 151 30.70 17.09 -5.82
C ARG C 151 31.56 15.90 -6.25
N GLN C 152 32.16 15.20 -5.29
CA GLN C 152 32.91 14.00 -5.60
C GLN C 152 31.95 12.82 -5.74
N GLY C 153 31.98 12.16 -6.90
CA GLY C 153 31.22 10.94 -7.11
C GLY C 153 29.73 11.08 -7.34
N VAL C 154 29.21 12.31 -7.42
CA VAL C 154 27.78 12.51 -7.65
C VAL C 154 27.38 11.94 -9.01
N ASP C 155 28.01 12.45 -10.06
CA ASP C 155 27.82 11.91 -11.40
C ASP C 155 27.97 10.40 -11.42
N ASP C 156 29.04 9.90 -10.79
CA ASP C 156 29.29 8.46 -10.80
C ASP C 156 28.13 7.70 -10.18
N ALA C 157 27.58 8.20 -9.07
CA ALA C 157 26.46 7.53 -8.42
C ALA C 157 25.26 7.43 -9.36
N PHE C 158 24.82 8.58 -9.90
CA PHE C 158 23.61 8.53 -10.73
C PHE C 158 23.85 7.71 -12.00
N TYR C 159 25.07 7.78 -12.56
CA TYR C 159 25.35 7.07 -13.80
C TYR C 159 25.44 5.56 -13.56
N THR C 160 25.96 5.15 -12.40
CA THR C 160 25.95 3.73 -12.05
C THR C 160 24.52 3.23 -11.88
N LEU C 161 23.65 4.05 -11.29
CA LEU C 161 22.24 3.65 -11.23
C LEU C 161 21.66 3.47 -12.62
N VAL C 162 22.00 4.37 -13.54
CA VAL C 162 21.52 4.24 -14.92
C VAL C 162 22.02 2.94 -15.55
N ARG C 163 23.28 2.59 -15.30
CA ARG C 163 23.82 1.35 -15.84
C ARG C 163 23.11 0.13 -15.24
N GLU C 164 22.77 0.21 -13.95
CA GLU C 164 22.02 -0.89 -13.32
C GLU C 164 20.61 -1.00 -13.85
N ILE C 165 20.06 0.08 -14.41
CA ILE C 165 18.77 -0.02 -15.08
C ILE C 165 18.93 -0.60 -16.49
N ARG C 166 20.01 -0.21 -17.17
CA ARG C 166 20.25 -0.73 -18.51
C ARG C 166 20.42 -2.24 -18.49
N LYS C 167 21.30 -2.75 -17.62
CA LYS C 167 21.16 -4.14 -17.21
C LYS C 167 19.83 -4.27 -16.47
N HIS C 168 19.22 -5.45 -16.57
CA HIS C 168 17.86 -5.72 -16.08
C HIS C 168 16.79 -5.11 -16.98
N LYS C 169 17.14 -4.19 -17.89
CA LYS C 169 16.17 -3.88 -18.95
C LYS C 169 16.51 -4.87 -20.06
N GLU C 170 17.75 -5.35 -20.11
CA GLU C 170 18.12 -6.42 -21.03
C GLU C 170 18.23 -7.74 -20.28
N SER D 2 -4.41 8.31 10.52
CA SER D 2 -5.05 7.32 9.66
C SER D 2 -4.41 7.33 8.28
N SER D 3 -4.34 8.52 7.66
CA SER D 3 -3.66 8.66 6.39
C SER D 3 -2.16 8.82 6.57
N SER D 4 -1.71 9.32 7.72
CA SER D 4 -0.30 9.58 7.96
C SER D 4 0.20 9.04 9.30
N VAL D 5 -0.67 8.61 10.19
CA VAL D 5 -0.27 8.23 11.55
C VAL D 5 -0.81 6.84 11.85
N PRO D 6 -0.02 5.96 12.49
CA PRO D 6 -0.57 4.70 12.97
C PRO D 6 -1.66 4.94 14.01
N THR D 7 -2.64 4.04 14.04
CA THR D 7 -3.79 4.17 14.92
C THR D 7 -4.03 2.84 15.65
N LYS D 8 -4.92 2.91 16.65
CA LYS D 8 -5.35 1.75 17.42
C LYS D 8 -4.17 1.01 18.03
N LEU D 9 -3.24 1.76 18.60
CA LEU D 9 -2.12 1.16 19.33
C LEU D 9 -2.64 0.54 20.63
N GLU D 10 -2.31 -0.73 20.85
CA GLU D 10 -2.81 -1.43 22.03
C GLU D 10 -1.94 -2.64 22.32
N VAL D 11 -2.04 -3.12 23.55
CA VAL D 11 -1.40 -4.36 23.98
C VAL D 11 -2.39 -5.49 23.76
N VAL D 12 -2.01 -6.48 22.94
CA VAL D 12 -2.93 -7.55 22.57
C VAL D 12 -2.64 -8.79 23.40
N ALA D 13 -1.40 -8.95 23.84
CA ALA D 13 -1.02 -10.08 24.69
C ALA D 13 -0.01 -9.58 25.72
N ALA D 14 -0.07 -10.15 26.92
CA ALA D 14 0.78 -9.67 28.00
C ALA D 14 1.05 -10.78 29.01
N THR D 15 2.30 -10.88 29.42
CA THR D 15 2.74 -11.70 30.55
C THR D 15 3.31 -10.73 31.57
N PRO D 16 3.66 -11.15 32.79
CA PRO D 16 4.28 -10.21 33.74
C PRO D 16 5.61 -9.63 33.26
N THR D 17 6.24 -10.21 32.23
CA THR D 17 7.55 -9.78 31.78
C THR D 17 7.60 -9.42 30.30
N SER D 18 6.47 -9.43 29.59
CA SER D 18 6.52 -9.18 28.16
C SER D 18 5.19 -8.65 27.67
N LEU D 19 5.26 -7.83 26.62
CA LEU D 19 4.10 -7.26 25.96
C LEU D 19 4.17 -7.50 24.47
N LEU D 20 3.01 -7.72 23.85
CA LEU D 20 2.85 -7.71 22.41
C LEU D 20 2.01 -6.49 22.05
N VAL D 21 2.60 -5.56 21.31
CA VAL D 21 1.96 -4.30 20.97
C VAL D 21 1.60 -4.32 19.50
N SER D 22 0.40 -3.84 19.16
CA SER D 22 -0.12 -3.92 17.81
C SER D 22 -0.78 -2.59 17.43
N TRP D 23 -0.77 -2.30 16.14
CA TRP D 23 -1.34 -1.06 15.63
C TRP D 23 -1.84 -1.27 14.21
N ASP D 24 -2.52 -0.26 13.68
CA ASP D 24 -2.97 -0.24 12.29
C ASP D 24 -2.07 0.70 11.50
N ALA D 25 -1.64 0.25 10.33
CA ALA D 25 -0.70 1.04 9.53
C ALA D 25 -1.41 2.23 8.89
N PRO D 26 -0.69 3.33 8.68
CA PRO D 26 -1.26 4.45 7.92
C PRO D 26 -1.30 4.11 6.44
N ALA D 27 -2.03 4.94 5.69
CA ALA D 27 -2.17 4.72 4.25
C ALA D 27 -0.87 4.99 3.52
N VAL D 28 -0.02 5.88 4.05
CA VAL D 28 1.25 6.18 3.40
C VAL D 28 2.22 5.03 3.62
N THR D 29 3.04 4.75 2.61
CA THR D 29 4.02 3.67 2.70
C THR D 29 5.04 3.99 3.79
N VAL D 30 5.29 3.00 4.64
CA VAL D 30 6.22 3.12 5.76
C VAL D 30 7.42 2.21 5.50
N VAL D 31 8.63 2.75 5.69
CA VAL D 31 9.83 1.94 5.49
C VAL D 31 10.17 1.16 6.76
N PHE D 32 10.06 1.79 7.93
CA PHE D 32 10.21 1.07 9.19
C PHE D 32 9.48 1.84 10.28
N TYR D 33 9.18 1.13 11.36
CA TYR D 33 8.61 1.72 12.56
C TYR D 33 9.67 1.80 13.64
N ASP D 34 9.74 2.94 14.31
CA ASP D 34 10.68 3.17 15.40
C ASP D 34 9.93 3.09 16.72
N ILE D 35 10.43 2.24 17.62
CA ILE D 35 9.75 1.92 18.87
C ILE D 35 10.69 2.21 20.03
N THR D 36 10.19 2.95 21.02
CA THR D 36 10.91 3.22 22.27
C THR D 36 10.01 2.85 23.44
N TYR D 37 10.61 2.26 24.47
CA TYR D 37 9.84 1.87 25.64
C TYR D 37 10.68 2.06 26.90
N GLY D 38 10.00 2.39 27.99
CA GLY D 38 10.67 2.60 29.26
C GLY D 38 9.64 2.86 30.34
N GLU D 39 10.14 2.93 31.58
CA GLU D 39 9.26 3.17 32.72
C GLU D 39 8.62 4.56 32.61
N THR D 40 7.30 4.61 32.80
CA THR D 40 6.60 5.89 32.76
C THR D 40 7.13 6.85 33.83
N GLY D 41 7.55 6.31 34.98
CA GLY D 41 8.13 7.15 36.01
C GLY D 41 9.40 7.87 35.58
N GLY D 42 10.11 7.33 34.60
CA GLY D 42 11.31 7.98 34.10
C GLY D 42 12.56 7.77 34.91
N ASN D 43 12.51 6.95 35.96
CA ASN D 43 13.68 6.68 36.78
C ASN D 43 14.67 5.73 36.13
N SER D 44 14.36 5.21 34.94
CA SER D 44 15.22 4.31 34.20
C SER D 44 15.19 4.69 32.74
N PRO D 45 16.29 4.52 32.00
CA PRO D 45 16.34 4.96 30.62
C PRO D 45 15.45 4.11 29.72
N VAL D 46 15.13 4.68 28.56
CA VAL D 46 14.33 3.96 27.57
C VAL D 46 15.25 3.10 26.70
N GLN D 47 14.64 2.16 26.00
CA GLN D 47 15.30 1.36 24.97
C GLN D 47 14.56 1.52 23.66
N GLU D 48 15.29 1.32 22.56
CA GLU D 48 14.81 1.67 21.24
C GLU D 48 15.18 0.57 20.25
N PHE D 49 14.28 0.34 19.29
CA PHE D 49 14.55 -0.57 18.18
C PHE D 49 13.64 -0.21 17.02
N THR D 50 13.81 -0.93 15.91
CA THR D 50 13.00 -0.71 14.72
C THR D 50 12.42 -2.04 14.25
N VAL D 51 11.26 -1.95 13.62
CA VAL D 51 10.64 -3.12 12.98
C VAL D 51 10.34 -2.77 11.54
N PRO D 52 10.33 -3.75 10.62
CA PRO D 52 10.10 -3.42 9.21
C PRO D 52 8.75 -2.75 8.99
N GLY D 53 8.71 -1.86 7.99
CA GLY D 53 7.50 -1.11 7.69
C GLY D 53 6.34 -1.96 7.23
N SER D 54 6.57 -3.23 6.92
CA SER D 54 5.50 -4.14 6.51
C SER D 54 4.88 -4.89 7.68
N LYS D 55 5.38 -4.68 8.90
CA LYS D 55 4.84 -5.32 10.09
C LYS D 55 3.98 -4.32 10.87
N SER D 56 3.09 -4.86 11.71
CA SER D 56 2.22 -4.04 12.54
C SER D 56 2.17 -4.53 13.99
N THR D 57 3.08 -5.42 14.40
CA THR D 57 3.19 -5.85 15.77
C THR D 57 4.64 -5.77 16.22
N ALA D 58 4.84 -5.83 17.53
CA ALA D 58 6.18 -5.80 18.09
C ALA D 58 6.16 -6.43 19.49
N THR D 59 7.20 -7.19 19.79
CA THR D 59 7.33 -7.86 21.08
C THR D 59 8.35 -7.12 21.93
N ILE D 60 7.97 -6.83 23.18
CA ILE D 60 8.84 -6.18 24.15
C ILE D 60 9.04 -7.15 25.31
N SER D 61 10.29 -7.59 25.50
CA SER D 61 10.63 -8.57 26.50
C SER D 61 11.48 -7.95 27.60
N GLY D 62 11.71 -8.73 28.65
CA GLY D 62 12.56 -8.29 29.74
C GLY D 62 11.94 -7.29 30.69
N LEU D 63 10.61 -7.18 30.72
CA LEU D 63 9.96 -6.22 31.59
C LEU D 63 9.83 -6.76 33.00
N SER D 64 9.52 -5.85 33.93
CA SER D 64 9.38 -6.17 35.35
C SER D 64 7.91 -6.21 35.74
N PRO D 65 7.54 -7.15 36.61
CA PRO D 65 6.13 -7.26 37.02
C PRO D 65 5.68 -6.05 37.83
N GLY D 66 4.48 -5.57 37.53
CA GLY D 66 3.88 -4.49 38.30
C GLY D 66 4.50 -3.13 38.08
N VAL D 67 4.96 -2.84 36.86
CA VAL D 67 5.65 -1.59 36.54
C VAL D 67 4.93 -0.91 35.39
N ASP D 68 4.72 0.40 35.52
CA ASP D 68 4.12 1.18 34.45
C ASP D 68 5.14 1.46 33.36
N TYR D 69 4.81 1.12 32.12
CA TYR D 69 5.68 1.31 30.97
C TYR D 69 4.97 2.18 29.94
N THR D 70 5.76 3.01 29.26
CA THR D 70 5.26 3.88 28.20
C THR D 70 5.89 3.45 26.89
N ILE D 71 5.05 3.03 25.94
CA ILE D 71 5.50 2.58 24.63
C ILE D 71 5.13 3.64 23.60
N THR D 72 6.12 4.06 22.80
CA THR D 72 5.96 5.06 21.77
C THR D 72 6.33 4.48 20.42
N VAL D 73 5.51 4.79 19.41
CA VAL D 73 5.72 4.31 18.05
C VAL D 73 5.76 5.49 17.11
N TYR D 74 6.81 5.54 16.28
CA TYR D 74 6.94 6.42 15.14
C TYR D 74 6.86 5.61 13.85
N ALA D 75 6.35 6.23 12.80
CA ALA D 75 6.35 5.64 11.46
C ALA D 75 7.23 6.49 10.55
N LYS D 76 8.30 5.90 10.04
CA LYS D 76 9.19 6.58 9.10
C LYS D 76 8.66 6.35 7.69
N TYR D 77 8.36 7.45 6.99
CA TYR D 77 7.81 7.33 5.64
C TYR D 77 8.89 6.91 4.65
N LEU D 78 8.50 6.07 3.70
CA LEU D 78 9.45 5.56 2.73
C LEU D 78 9.82 6.62 1.70
N PHE D 79 8.84 7.40 1.24
CA PHE D 79 9.05 8.33 0.13
C PHE D 79 8.88 9.79 0.56
N TRP D 80 8.78 10.07 1.86
CA TRP D 80 8.61 11.42 2.34
C TRP D 80 9.50 11.65 3.55
N SER D 81 9.91 12.90 3.74
CA SER D 81 10.82 13.24 4.82
C SER D 81 10.16 13.05 6.18
N GLY D 82 10.98 12.72 7.17
CA GLY D 82 10.54 12.71 8.54
C GLY D 82 9.67 11.52 8.92
N TYR D 83 9.08 11.62 10.10
CA TYR D 83 8.28 10.59 10.70
C TYR D 83 6.85 11.07 10.89
N SER D 84 5.96 10.13 11.20
CA SER D 84 4.65 10.49 11.71
C SER D 84 4.79 11.07 13.11
N SER D 85 3.73 11.73 13.57
CA SER D 85 3.69 12.13 14.96
C SER D 85 3.72 10.88 15.84
N PRO D 86 4.45 10.91 16.96
CA PRO D 86 4.53 9.72 17.80
C PRO D 86 3.19 9.40 18.43
N ILE D 87 2.89 8.11 18.58
CA ILE D 87 1.72 7.67 19.32
C ILE D 87 2.17 6.77 20.46
N SER D 88 1.53 6.92 21.62
CA SER D 88 2.01 6.27 22.82
C SER D 88 0.87 5.63 23.59
N ILE D 89 1.20 4.58 24.34
CA ILE D 89 0.28 3.98 25.30
C ILE D 89 1.04 3.69 26.59
N ASN D 90 0.31 3.71 27.70
CA ASN D 90 0.81 3.30 29.00
C ASN D 90 0.21 1.95 29.36
N TYR D 91 1.02 1.08 29.95
CA TYR D 91 0.56 -0.24 30.33
C TYR D 91 1.32 -0.72 31.56
N ARG D 92 0.58 -1.28 32.51
CA ARG D 92 1.19 -1.83 33.73
C ARG D 92 1.19 -3.35 33.63
N THR D 93 2.38 -3.94 33.71
CA THR D 93 2.48 -5.39 33.71
C THR D 93 1.88 -5.97 34.99
N GLU D 94 1.47 -7.23 34.92
CA GLU D 94 0.92 -7.92 36.08
C GLU D 94 2.04 -8.19 37.08
#